data_4IGP
#
_entry.id   4IGP
#
_cell.length_a   91.326
_cell.length_b   91.326
_cell.length_c   76.022
_cell.angle_alpha   90.00
_cell.angle_beta   90.00
_cell.angle_gamma   120.00
#
_symmetry.space_group_name_H-M   'P 63'
#
loop_
_entity.id
_entity.type
_entity.pdbx_description
1 polymer 'Os05g0196500 protein'
2 non-polymer 'FE (III) ION'
#
_entity_poly.entity_id   1
_entity_poly.type   'polypeptide(L)'
_entity_poly.pdbx_seq_one_letter_code
;AKWNPAGARRPVLDEAPVFYPTEEEFEDTLKYIESIRPMAEPYGICRIVPPSSWKPPCLLKDKSIWEGSKFSTRVQKVDK
LQNRKSSKKGRRGGMMKRRKLAESEENSATAHTQTGMQQSPERFGFEPGPEFTLQTFQKYADDFSKQYFRKDTSMDSVPS
VEDIEGEYWRIVEVPTEEIEVIYGADLETGTFGSGFPKLSPETKSDAEDKYAQSGWNLNNLPRLQGSVLSFEGGDISGVL
VPWVYVGMCFSSFCWHVEDHHLYSLNYMHWGAPKLWYGVPGKDAVNLESAMRKHLPELFEEQPDLLHNLVTQFSPSLLKS
EGVHVYRCVQHEGEFVLTFPRAYHAGFNCGFNCAEAVNVA
;
_entity_poly.pdbx_strand_id   A
#
loop_
_chem_comp.id
_chem_comp.type
_chem_comp.name
_chem_comp.formula
FE non-polymer 'FE (III) ION' 'Fe 3'
#
# COMPACT_ATOMS: atom_id res chain seq x y z
N ALA A 1 8.08 20.31 -6.85
CA ALA A 1 7.49 21.62 -6.71
C ALA A 1 6.97 21.79 -5.30
N LYS A 2 5.66 22.01 -5.15
CA LYS A 2 5.09 22.29 -3.82
C LYS A 2 3.57 22.03 -3.58
N TRP A 3 3.30 21.30 -2.49
CA TRP A 3 2.03 21.30 -1.76
C TRP A 3 0.98 22.35 -2.11
N ASN A 4 -0.26 21.93 -2.38
CA ASN A 4 -1.36 22.89 -2.49
C ASN A 4 -2.58 22.52 -1.63
N PRO A 5 -2.69 23.14 -0.44
CA PRO A 5 -3.58 22.74 0.67
C PRO A 5 -5.05 22.94 0.38
N ALA A 6 -5.40 23.85 -0.51
CA ALA A 6 -6.81 24.02 -0.87
C ALA A 6 -7.26 23.14 -2.04
N GLY A 7 -6.31 22.63 -2.83
CA GLY A 7 -6.64 21.75 -3.94
C GLY A 7 -6.65 20.33 -3.45
N ALA A 8 -6.59 20.18 -2.13
CA ALA A 8 -6.56 18.84 -1.57
C ALA A 8 -7.84 18.11 -1.90
N ARG A 9 -7.68 16.92 -2.46
CA ARG A 9 -8.83 16.11 -2.89
C ARG A 9 -8.81 14.75 -2.22
N ARG A 10 -8.96 14.81 -0.90
CA ARG A 10 -8.98 13.67 -0.02
C ARG A 10 -10.33 12.98 -0.08
N PRO A 11 -10.31 11.66 -0.37
CA PRO A 11 -11.46 10.77 -0.58
C PRO A 11 -12.20 10.45 0.71
N VAL A 12 -13.52 10.58 0.68
CA VAL A 12 -14.33 10.27 1.85
C VAL A 12 -14.77 8.83 1.83
N LEU A 13 -14.13 8.04 2.67
CA LEU A 13 -14.35 6.61 2.73
C LEU A 13 -14.76 6.18 4.13
N ASP A 14 -15.20 4.94 4.25
CA ASP A 14 -15.42 4.35 5.57
C ASP A 14 -14.11 3.73 5.98
N GLU A 15 -13.98 3.44 7.27
CA GLU A 15 -12.71 2.90 7.77
C GLU A 15 -12.73 1.37 7.73
N ALA A 16 -11.62 0.78 7.32
CA ALA A 16 -11.49 -0.67 7.34
C ALA A 16 -11.64 -1.08 8.79
N PRO A 17 -12.15 -2.29 9.03
CA PRO A 17 -12.31 -2.81 10.39
C PRO A 17 -10.97 -3.07 11.03
N VAL A 18 -10.80 -2.71 12.30
CA VAL A 18 -9.53 -2.89 12.95
C VAL A 18 -9.65 -3.91 14.07
N PHE A 19 -8.69 -4.82 14.13
CA PHE A 19 -8.72 -5.92 15.10
C PHE A 19 -7.57 -5.84 16.11
N TYR A 20 -7.89 -6.11 17.37
CA TYR A 20 -6.92 -6.03 18.45
C TYR A 20 -6.72 -7.36 19.19
N PRO A 21 -6.05 -8.33 18.54
CA PRO A 21 -5.82 -9.62 19.18
C PRO A 21 -5.30 -9.52 20.60
N THR A 22 -5.62 -10.57 21.35
CA THR A 22 -5.10 -10.82 22.68
C THR A 22 -3.95 -11.81 22.58
N GLU A 23 -3.20 -11.94 23.66
CA GLU A 23 -1.99 -12.76 23.70
C GLU A 23 -2.20 -14.20 23.27
N GLU A 24 -3.33 -14.79 23.63
CA GLU A 24 -3.68 -16.13 23.16
C GLU A 24 -4.05 -16.11 21.69
N GLU A 25 -4.96 -15.21 21.33
CA GLU A 25 -5.41 -15.17 19.94
C GLU A 25 -4.19 -15.02 19.04
N PHE A 26 -3.10 -14.56 19.63
CA PHE A 26 -1.96 -14.13 18.86
C PHE A 26 -0.89 -15.19 18.89
N GLU A 27 -1.15 -16.30 19.59
CA GLU A 27 -0.15 -17.35 19.61
C GLU A 27 -0.18 -18.24 18.34
N ASP A 28 -1.37 -18.41 17.76
CA ASP A 28 -1.52 -19.09 16.46
C ASP A 28 -2.05 -18.10 15.44
N THR A 29 -1.23 -17.83 14.43
CA THR A 29 -1.57 -16.90 13.38
C THR A 29 -2.71 -17.41 12.50
N LEU A 30 -2.49 -18.53 11.82
CA LEU A 30 -3.50 -18.99 10.88
C LEU A 30 -4.85 -19.01 11.58
N LYS A 31 -4.85 -19.45 12.84
CA LYS A 31 -6.09 -19.50 13.63
C LYS A 31 -6.73 -18.13 13.80
N TYR A 32 -6.01 -17.22 14.45
CA TYR A 32 -6.54 -15.87 14.68
C TYR A 32 -7.15 -15.27 13.41
N ILE A 33 -6.51 -15.55 12.27
CA ILE A 33 -7.02 -15.01 11.02
C ILE A 33 -8.33 -15.68 10.69
N GLU A 34 -8.36 -17.01 10.77
CA GLU A 34 -9.60 -17.75 10.61
C GLU A 34 -10.62 -17.24 11.62
N SER A 35 -10.13 -16.93 12.81
CA SER A 35 -10.94 -16.28 13.83
C SER A 35 -11.76 -15.11 13.26
N ILE A 36 -11.07 -14.09 12.73
CA ILE A 36 -11.74 -12.85 12.32
C ILE A 36 -12.27 -12.89 10.90
N ARG A 37 -11.72 -13.80 10.09
CA ARG A 37 -12.10 -13.95 8.69
C ARG A 37 -13.57 -13.57 8.40
N PRO A 38 -14.52 -14.14 9.14
CA PRO A 38 -15.93 -13.87 8.80
C PRO A 38 -16.28 -12.41 8.91
N MET A 39 -15.84 -11.75 9.99
CA MET A 39 -16.18 -10.35 10.24
C MET A 39 -15.38 -9.35 9.34
N ALA A 40 -14.16 -9.73 8.95
CA ALA A 40 -13.29 -8.87 8.15
C ALA A 40 -13.45 -9.05 6.63
N GLU A 41 -13.80 -10.26 6.22
CA GLU A 41 -13.78 -10.63 4.80
C GLU A 41 -14.70 -9.83 3.92
N PRO A 42 -15.83 -9.37 4.46
CA PRO A 42 -16.75 -8.59 3.62
C PRO A 42 -16.18 -7.23 3.18
N TYR A 43 -15.05 -6.81 3.71
CA TYR A 43 -14.46 -5.51 3.35
C TYR A 43 -13.32 -5.61 2.35
N GLY A 44 -12.68 -6.78 2.30
CA GLY A 44 -11.54 -6.99 1.44
C GLY A 44 -10.22 -6.73 2.13
N ILE A 45 -10.25 -5.95 3.21
CA ILE A 45 -9.04 -5.49 3.89
C ILE A 45 -9.33 -5.23 5.32
N CYS A 46 -8.34 -5.47 6.20
CA CYS A 46 -8.47 -5.20 7.63
C CYS A 46 -7.11 -4.85 8.27
N ARG A 47 -7.14 -4.30 9.48
CA ARG A 47 -5.89 -3.87 10.10
C ARG A 47 -5.78 -4.47 11.48
N ILE A 48 -4.74 -5.29 11.66
CA ILE A 48 -4.55 -6.03 12.91
C ILE A 48 -3.41 -5.45 13.74
N VAL A 49 -3.77 -4.91 14.90
CA VAL A 49 -2.79 -4.32 15.81
C VAL A 49 -2.41 -5.29 16.93
N PRO A 50 -1.11 -5.63 17.03
CA PRO A 50 -0.59 -6.64 17.95
C PRO A 50 -0.68 -6.15 19.38
N PRO A 51 -0.82 -7.09 20.32
CA PRO A 51 -0.81 -6.80 21.76
C PRO A 51 0.57 -6.35 22.25
N SER A 52 0.63 -5.88 23.50
CA SER A 52 1.84 -5.31 24.08
C SER A 52 2.96 -6.33 24.11
N SER A 53 2.55 -7.58 24.34
CA SER A 53 3.49 -8.68 24.44
C SER A 53 4.48 -8.67 23.25
N TRP A 54 3.99 -8.26 22.09
CA TRP A 54 4.75 -8.36 20.84
C TRP A 54 5.92 -7.40 20.75
N LYS A 55 7.00 -7.87 20.12
CA LYS A 55 8.20 -7.09 19.90
C LYS A 55 8.95 -7.64 18.69
N PRO A 56 9.26 -6.77 17.73
CA PRO A 56 9.94 -7.13 16.47
C PRO A 56 11.43 -7.42 16.65
N ASP A 62 20.47 -2.30 13.28
CA ASP A 62 21.83 -2.77 13.04
C ASP A 62 22.64 -1.78 12.16
N LYS A 63 23.91 -1.59 12.52
CA LYS A 63 24.74 -0.55 11.90
C LYS A 63 25.57 -1.08 10.71
N SER A 64 24.89 -1.62 9.71
CA SER A 64 25.59 -2.22 8.56
C SER A 64 24.58 -2.75 7.54
N ILE A 65 23.43 -3.21 8.01
CA ILE A 65 22.30 -3.47 7.13
C ILE A 65 21.83 -2.11 6.71
N TRP A 66 22.06 -1.15 7.61
CA TRP A 66 21.69 0.22 7.40
C TRP A 66 22.71 0.88 6.48
N GLU A 67 23.94 1.02 6.98
CA GLU A 67 25.01 1.75 6.28
C GLU A 67 25.68 1.01 5.10
N GLY A 68 25.53 -0.32 5.03
CA GLY A 68 26.23 -1.10 4.02
C GLY A 68 25.37 -1.83 3.01
N SER A 69 24.23 -2.37 3.45
CA SER A 69 23.36 -3.21 2.63
C SER A 69 22.62 -2.46 1.51
N LYS A 70 23.01 -2.72 0.27
CA LYS A 70 22.50 -1.96 -0.86
C LYS A 70 21.22 -2.56 -1.43
N PHE A 71 20.49 -1.74 -2.18
CA PHE A 71 19.25 -2.15 -2.86
C PHE A 71 18.86 -1.12 -3.93
N SER A 72 18.11 -1.59 -4.92
CA SER A 72 17.71 -0.75 -6.06
C SER A 72 16.24 -0.28 -6.03
N THR A 73 16.03 0.83 -6.73
CA THR A 73 14.79 1.54 -6.62
C THR A 73 14.26 1.65 -8.02
N ARG A 74 13.06 2.18 -8.14
CA ARG A 74 12.35 2.18 -9.39
C ARG A 74 11.66 3.53 -9.35
N VAL A 75 11.60 4.22 -10.47
CA VAL A 75 11.12 5.60 -10.50
C VAL A 75 9.64 5.72 -10.91
N GLN A 76 8.87 6.45 -10.10
CA GLN A 76 7.41 6.59 -10.28
C GLN A 76 6.90 7.99 -10.59
N LYS A 77 6.20 8.17 -11.72
CA LYS A 77 5.62 9.49 -11.95
C LYS A 77 4.22 9.68 -11.32
N VAL A 78 4.21 9.95 -10.01
CA VAL A 78 2.99 10.06 -9.25
C VAL A 78 1.95 10.72 -10.15
N ASP A 79 2.32 11.85 -10.75
CA ASP A 79 1.38 12.69 -11.49
C ASP A 79 0.82 12.04 -12.78
N LYS A 80 1.23 10.82 -13.07
CA LYS A 80 0.81 10.18 -14.30
C LYS A 80 0.49 8.73 -14.02
N LEU A 81 0.03 8.49 -12.79
CA LEU A 81 -0.39 7.16 -12.35
C LEU A 81 -1.81 6.84 -12.80
N GLN A 82 -2.59 7.85 -13.14
CA GLN A 82 -3.95 7.65 -13.63
C GLN A 82 -4.26 8.38 -14.92
N ASN A 83 -3.99 9.68 -14.95
CA ASN A 83 -4.16 10.43 -16.19
C ASN A 83 -2.86 10.51 -17.04
N ARG A 84 -2.92 9.88 -18.21
CA ARG A 84 -1.83 9.85 -19.21
C ARG A 84 -2.34 9.36 -20.58
N LYS A 85 -1.74 9.84 -21.68
CA LYS A 85 -2.24 9.52 -23.03
C LYS A 85 -1.70 8.23 -23.68
N PHE A 124 6.14 2.63 -19.79
CA PHE A 124 4.96 1.78 -19.65
C PHE A 124 5.04 1.04 -18.31
N GLY A 125 6.02 1.47 -17.51
CA GLY A 125 6.30 0.94 -16.18
C GLY A 125 7.18 1.91 -15.39
N PHE A 126 7.74 1.46 -14.29
CA PHE A 126 8.61 2.34 -13.53
C PHE A 126 10.02 2.02 -13.91
N GLU A 127 10.64 2.94 -14.65
CA GLU A 127 12.03 2.81 -15.07
C GLU A 127 12.92 2.63 -13.86
N PRO A 128 14.14 2.12 -14.08
CA PRO A 128 15.09 1.96 -12.98
C PRO A 128 15.40 3.29 -12.31
N GLY A 129 15.71 3.20 -11.02
CA GLY A 129 16.22 4.33 -10.28
C GLY A 129 17.60 4.01 -9.76
N PRO A 130 18.19 4.94 -8.99
CA PRO A 130 19.52 4.80 -8.40
C PRO A 130 19.55 3.66 -7.38
N GLU A 131 20.74 3.33 -6.87
CA GLU A 131 20.81 2.40 -5.75
C GLU A 131 21.09 3.10 -4.43
N PHE A 132 20.59 2.53 -3.34
CA PHE A 132 20.66 3.20 -2.04
C PHE A 132 21.02 2.23 -0.92
N THR A 133 21.47 2.78 0.22
CA THR A 133 21.42 2.03 1.47
C THR A 133 20.22 2.59 2.16
N LEU A 134 19.70 1.89 3.15
CA LEU A 134 18.66 2.50 3.96
C LEU A 134 19.08 3.91 4.34
N GLN A 135 20.34 4.06 4.73
CA GLN A 135 20.81 5.33 5.22
C GLN A 135 20.60 6.42 4.21
N THR A 136 21.15 6.26 3.01
CA THR A 136 21.08 7.33 2.01
C THR A 136 19.68 7.49 1.45
N PHE A 137 18.97 6.37 1.30
CA PHE A 137 17.58 6.45 0.83
C PHE A 137 16.70 7.25 1.81
N GLN A 138 17.04 7.20 3.08
CA GLN A 138 16.29 8.01 4.03
C GLN A 138 16.64 9.47 3.88
N LYS A 139 17.93 9.75 3.73
CA LYS A 139 18.32 11.15 3.62
C LYS A 139 17.65 11.76 2.39
N TYR A 140 17.59 11.02 1.29
CA TYR A 140 16.88 11.51 0.10
C TYR A 140 15.36 11.61 0.30
N ALA A 141 14.79 10.65 1.02
CA ALA A 141 13.35 10.59 1.16
C ALA A 141 12.91 11.76 2.02
N ASP A 142 13.70 12.04 3.05
CA ASP A 142 13.25 13.00 4.04
C ASP A 142 13.46 14.42 3.56
N ASP A 143 14.50 14.64 2.76
CA ASP A 143 14.68 15.95 2.15
C ASP A 143 13.42 16.22 1.36
N PHE A 144 13.06 15.25 0.52
CA PHE A 144 11.94 15.38 -0.37
C PHE A 144 10.69 15.88 0.36
N SER A 145 10.35 15.21 1.46
CA SER A 145 9.20 15.63 2.25
C SER A 145 9.40 17.03 2.79
N LYS A 146 10.62 17.37 3.18
CA LYS A 146 10.83 18.65 3.86
C LYS A 146 10.57 19.79 2.91
N GLN A 147 11.04 19.59 1.67
CA GLN A 147 10.89 20.54 0.57
C GLN A 147 9.49 20.60 -0.08
N TYR A 148 8.89 19.44 -0.38
CA TYR A 148 7.56 19.48 -0.99
C TYR A 148 6.58 20.26 -0.13
N PHE A 149 6.73 20.22 1.20
CA PHE A 149 5.80 20.89 2.12
C PHE A 149 6.38 22.09 2.85
N VAL A 158 4.97 20.34 9.82
CA VAL A 158 4.89 18.96 9.33
C VAL A 158 3.45 18.46 9.17
N PRO A 159 3.10 17.99 7.96
CA PRO A 159 1.70 17.69 7.59
C PRO A 159 1.17 16.44 8.27
N SER A 160 -0.16 16.33 8.33
CA SER A 160 -0.85 15.17 8.90
C SER A 160 -1.07 14.05 7.89
N VAL A 161 -1.68 12.94 8.31
CA VAL A 161 -1.99 11.89 7.34
C VAL A 161 -3.05 12.36 6.38
N GLU A 162 -3.95 13.20 6.87
CA GLU A 162 -4.98 13.78 6.02
C GLU A 162 -4.40 14.86 5.10
N ASP A 163 -3.53 15.71 5.63
CA ASP A 163 -2.87 16.69 4.78
C ASP A 163 -2.27 16.03 3.55
N ILE A 164 -1.41 15.04 3.75
CA ILE A 164 -0.83 14.29 2.64
C ILE A 164 -1.88 13.66 1.75
N GLU A 165 -2.66 12.73 2.31
CA GLU A 165 -3.62 11.93 1.53
C GLU A 165 -4.30 12.77 0.48
N GLY A 166 -4.90 13.85 0.94
CA GLY A 166 -5.57 14.79 0.07
C GLY A 166 -4.65 15.49 -0.88
N GLU A 167 -3.36 15.58 -0.57
CA GLU A 167 -2.40 16.13 -1.52
C GLU A 167 -2.17 15.05 -2.55
N TYR A 168 -1.94 13.85 -2.04
CA TYR A 168 -1.50 12.74 -2.87
C TYR A 168 -2.45 12.64 -4.03
N TRP A 169 -3.71 12.33 -3.74
CA TRP A 169 -4.78 12.27 -4.76
C TRP A 169 -4.90 13.48 -5.65
N ARG A 170 -4.80 14.68 -5.08
CA ARG A 170 -4.65 15.85 -5.90
C ARG A 170 -3.67 15.56 -7.03
N ILE A 171 -2.46 15.21 -6.66
CA ILE A 171 -1.42 14.93 -7.64
C ILE A 171 -1.83 13.93 -8.75
N VAL A 172 -2.56 12.87 -8.41
CA VAL A 172 -2.86 11.82 -9.40
C VAL A 172 -4.10 12.11 -10.25
N GLU A 173 -5.11 12.73 -9.64
CA GLU A 173 -6.34 13.16 -10.33
C GLU A 173 -6.18 14.48 -11.11
N VAL A 174 -5.27 15.33 -10.64
CA VAL A 174 -5.28 16.71 -11.07
C VAL A 174 -3.91 17.34 -10.98
N PRO A 175 -2.89 16.68 -11.53
CA PRO A 175 -1.54 17.15 -11.25
C PRO A 175 -1.39 18.56 -11.75
N THR A 176 -0.50 19.35 -11.15
CA THR A 176 -0.16 20.68 -11.67
C THR A 176 1.34 20.79 -11.96
N GLU A 177 2.08 19.74 -11.65
CA GLU A 177 3.43 19.61 -12.15
C GLU A 177 3.84 18.16 -12.06
N GLU A 178 4.85 17.76 -12.83
CA GLU A 178 5.37 16.42 -12.70
C GLU A 178 5.98 16.31 -11.34
N ILE A 179 5.78 15.16 -10.71
CA ILE A 179 6.34 14.86 -9.40
C ILE A 179 6.87 13.45 -9.52
N GLU A 180 8.16 13.24 -9.29
CA GLU A 180 8.68 11.87 -9.35
C GLU A 180 9.31 11.31 -8.04
N VAL A 181 8.95 10.08 -7.71
CA VAL A 181 9.29 9.46 -6.45
C VAL A 181 10.01 8.13 -6.66
N ILE A 182 10.69 7.63 -5.63
CA ILE A 182 11.50 6.41 -5.76
C ILE A 182 10.97 5.33 -4.80
N TYR A 183 11.25 4.06 -5.08
CA TYR A 183 10.89 3.06 -4.08
C TYR A 183 11.68 1.79 -4.23
N GLY A 184 12.00 1.18 -3.10
CA GLY A 184 12.62 -0.13 -3.12
C GLY A 184 11.46 -1.04 -3.38
N ALA A 185 11.69 -2.33 -3.52
CA ALA A 185 10.57 -3.26 -3.66
C ALA A 185 11.02 -4.65 -4.10
N ASP A 186 10.59 -5.67 -3.37
CA ASP A 186 10.97 -7.05 -3.67
C ASP A 186 12.44 -7.30 -3.31
N LEU A 187 12.84 -6.73 -2.19
CA LEU A 187 14.17 -6.93 -1.67
C LEU A 187 14.12 -8.01 -0.56
N ALA A 212 6.47 -16.30 18.04
CA ALA A 212 7.86 -15.92 18.24
C ALA A 212 8.94 -16.51 17.28
N GLN A 213 8.85 -17.74 16.76
CA GLN A 213 7.74 -18.76 16.90
C GLN A 213 6.31 -18.74 16.40
N SER A 214 5.85 -17.58 15.89
CA SER A 214 4.45 -17.40 15.49
C SER A 214 4.70 -16.94 14.02
N GLY A 215 3.70 -17.19 13.18
CA GLY A 215 3.75 -16.83 11.77
C GLY A 215 3.62 -15.33 11.55
N TRP A 216 3.44 -14.59 12.62
CA TRP A 216 3.50 -13.14 12.55
C TRP A 216 4.94 -12.71 12.25
N ASN A 217 5.90 -13.58 12.54
CA ASN A 217 7.26 -13.38 12.06
C ASN A 217 7.31 -13.91 10.63
N LEU A 218 6.84 -13.08 9.70
CA LEU A 218 6.48 -13.51 8.33
C LEU A 218 7.30 -14.64 7.66
N ASN A 219 8.60 -14.69 7.94
CA ASN A 219 9.44 -15.74 7.38
C ASN A 219 8.99 -17.16 7.77
N ASN A 220 8.19 -17.25 8.84
CA ASN A 220 7.73 -18.54 9.39
C ASN A 220 6.51 -19.15 8.68
N LEU A 221 5.72 -18.34 7.99
CA LEU A 221 4.43 -18.79 7.44
C LEU A 221 4.52 -19.85 6.33
N PRO A 222 5.31 -19.59 5.27
CA PRO A 222 5.49 -20.58 4.19
C PRO A 222 5.33 -22.04 4.65
N ARG A 223 5.78 -22.37 5.85
CA ARG A 223 5.58 -23.72 6.39
C ARG A 223 4.10 -23.96 6.67
N LEU A 224 3.68 -23.63 7.88
CA LEU A 224 2.27 -23.68 8.27
C LEU A 224 1.34 -23.27 7.13
N LEU A 240 6.76 -19.80 -1.71
CA LEU A 240 6.22 -18.59 -1.11
C LEU A 240 7.13 -17.99 -0.03
N VAL A 241 7.59 -16.78 -0.30
CA VAL A 241 8.59 -16.15 0.53
C VAL A 241 8.17 -14.70 0.80
N PRO A 242 8.55 -14.19 1.99
CA PRO A 242 8.37 -12.83 2.50
C PRO A 242 9.27 -11.82 1.82
N TRP A 243 8.68 -10.82 1.18
CA TRP A 243 9.41 -9.81 0.42
C TRP A 243 9.41 -8.48 1.17
N VAL A 244 10.36 -7.60 0.87
CA VAL A 244 10.53 -6.35 1.63
C VAL A 244 10.44 -5.09 0.80
N TYR A 245 9.78 -4.05 1.32
CA TYR A 245 9.73 -2.77 0.62
C TYR A 245 10.25 -1.56 1.38
N VAL A 246 10.90 -0.66 0.66
CA VAL A 246 11.19 0.65 1.19
C VAL A 246 10.45 1.61 0.31
N GLY A 247 9.82 2.62 0.89
CA GLY A 247 9.14 3.63 0.09
C GLY A 247 9.28 4.97 0.80
N MET A 248 8.87 6.04 0.14
CA MET A 248 8.93 7.39 0.72
C MET A 248 7.55 8.06 0.60
N CYS A 249 7.44 9.34 0.96
CA CYS A 249 6.17 10.06 0.77
C CYS A 249 5.73 10.00 -0.69
N PHE A 250 4.49 9.58 -0.91
CA PHE A 250 3.91 9.43 -2.27
C PHE A 250 4.32 8.20 -3.12
N SER A 251 5.33 7.42 -2.72
CA SER A 251 5.52 6.17 -3.44
C SER A 251 4.24 5.39 -3.21
N SER A 252 3.68 4.83 -4.26
CA SER A 252 2.44 4.07 -4.14
C SER A 252 2.61 2.64 -4.62
N PHE A 253 1.69 1.78 -4.19
CA PHE A 253 1.57 0.44 -4.75
C PHE A 253 0.17 0.38 -5.32
N CYS A 254 0.06 0.25 -6.63
CA CYS A 254 -1.23 0.42 -7.29
C CYS A 254 -2.21 -0.73 -7.09
N TRP A 255 -3.30 -0.67 -7.85
CA TRP A 255 -4.41 -1.61 -7.72
C TRP A 255 -4.08 -2.97 -8.33
N HIS A 256 -4.14 -4.02 -7.52
CA HIS A 256 -4.03 -5.36 -8.07
C HIS A 256 -4.89 -6.26 -7.19
N VAL A 257 -4.91 -7.55 -7.54
CA VAL A 257 -5.44 -8.56 -6.65
C VAL A 257 -4.33 -9.56 -6.50
N GLU A 258 -4.20 -10.16 -5.31
CA GLU A 258 -3.09 -11.08 -5.09
C GLU A 258 -3.00 -12.19 -6.14
N ASP A 259 -1.79 -12.70 -6.33
CA ASP A 259 -1.48 -13.67 -7.39
C ASP A 259 -2.57 -14.71 -7.67
N HIS A 260 -2.76 -15.67 -6.79
CA HIS A 260 -3.84 -16.65 -7.03
C HIS A 260 -5.14 -16.27 -6.34
N HIS A 261 -5.37 -16.85 -5.17
CA HIS A 261 -6.51 -16.41 -4.37
C HIS A 261 -5.92 -16.08 -3.03
N LEU A 262 -4.61 -15.91 -3.01
CA LEU A 262 -3.92 -15.59 -1.78
C LEU A 262 -4.44 -14.38 -1.01
N TYR A 263 -4.17 -14.42 0.28
CA TYR A 263 -4.12 -13.23 1.11
C TYR A 263 -2.72 -12.64 0.94
N SER A 264 -2.54 -11.45 1.49
CA SER A 264 -1.21 -10.84 1.63
C SER A 264 -1.11 -10.23 3.03
N LEU A 265 -0.36 -10.84 3.95
CA LEU A 265 -0.18 -10.21 5.28
C LEU A 265 0.99 -9.23 5.30
N ASN A 266 0.80 -8.01 5.81
CA ASN A 266 1.87 -7.00 5.73
C ASN A 266 2.27 -6.33 7.04
N TYR A 267 3.55 -6.32 7.35
CA TYR A 267 3.98 -5.72 8.60
C TYR A 267 4.87 -4.52 8.39
N MET A 268 4.33 -3.35 8.72
CA MET A 268 5.10 -2.12 8.77
C MET A 268 6.18 -2.27 9.86
N HIS A 269 7.44 -2.26 9.47
CA HIS A 269 8.50 -2.44 10.45
C HIS A 269 8.77 -1.14 11.15
N TRP A 270 9.13 -0.16 10.35
CA TRP A 270 9.55 1.11 10.87
C TRP A 270 9.40 2.14 9.77
N GLY A 271 9.01 3.35 10.14
CA GLY A 271 8.88 4.43 9.17
C GLY A 271 7.51 5.08 9.30
N ALA A 272 7.13 5.85 8.27
CA ALA A 272 5.83 6.53 8.29
C ALA A 272 4.67 5.62 7.92
N PRO A 273 3.46 6.07 8.21
CA PRO A 273 2.18 5.41 7.89
C PRO A 273 2.05 5.04 6.41
N LYS A 274 1.55 3.84 6.15
CA LYS A 274 1.11 3.45 4.82
C LYS A 274 -0.40 3.60 4.76
N LEU A 275 -0.92 4.31 3.76
CA LEU A 275 -2.36 4.41 3.55
C LEU A 275 -2.77 3.18 2.73
N TRP A 276 -3.92 2.59 3.02
CA TRP A 276 -4.44 1.49 2.17
C TRP A 276 -5.80 1.81 1.54
N TYR A 277 -6.16 1.08 0.48
CA TYR A 277 -7.53 1.11 -0.03
C TYR A 277 -7.92 -0.29 -0.49
N GLY A 278 -9.05 -0.77 0.03
CA GLY A 278 -9.48 -2.13 -0.21
C GLY A 278 -10.90 -2.25 -0.73
N VAL A 279 -11.07 -3.06 -1.77
CA VAL A 279 -12.38 -3.37 -2.34
C VAL A 279 -12.68 -4.86 -2.17
N PRO A 280 -13.81 -5.17 -1.53
CA PRO A 280 -14.18 -6.55 -1.18
C PRO A 280 -14.31 -7.43 -2.40
N GLY A 281 -13.88 -8.68 -2.34
CA GLY A 281 -13.93 -9.60 -3.47
C GLY A 281 -15.16 -9.53 -4.38
N LYS A 282 -16.35 -9.55 -3.78
CA LYS A 282 -17.58 -9.58 -4.58
C LYS A 282 -17.78 -8.27 -5.32
N ASP A 283 -16.85 -7.34 -5.11
CA ASP A 283 -16.85 -6.06 -5.79
C ASP A 283 -15.67 -5.90 -6.75
N ALA A 284 -14.97 -7.00 -7.01
CA ALA A 284 -13.95 -7.03 -8.05
C ALA A 284 -14.51 -6.64 -9.45
N VAL A 285 -15.72 -7.10 -9.73
CA VAL A 285 -16.34 -6.83 -11.02
C VAL A 285 -16.60 -5.34 -11.20
N ASN A 286 -17.14 -4.71 -10.14
CA ASN A 286 -17.42 -3.28 -10.12
C ASN A 286 -16.16 -2.42 -10.30
N LEU A 287 -15.04 -2.90 -9.77
CA LEU A 287 -13.78 -2.16 -9.79
C LEU A 287 -13.19 -2.14 -11.21
N GLU A 288 -12.95 -3.31 -11.79
CA GLU A 288 -12.49 -3.36 -13.19
C GLU A 288 -13.56 -2.92 -14.20
N SER A 289 -14.82 -3.26 -13.95
CA SER A 289 -15.91 -2.74 -14.78
C SER A 289 -15.94 -1.22 -14.80
N ALA A 290 -15.55 -0.61 -13.68
CA ALA A 290 -15.61 0.83 -13.50
C ALA A 290 -14.40 1.49 -14.12
N MET A 291 -13.27 0.78 -14.07
CA MET A 291 -12.02 1.21 -14.67
C MET A 291 -11.98 1.15 -16.21
N ARG A 292 -12.57 0.11 -16.79
CA ARG A 292 -12.78 0.10 -18.22
C ARG A 292 -13.66 1.32 -18.55
N LYS A 293 -14.79 1.50 -17.83
CA LYS A 293 -15.71 2.61 -18.10
C LYS A 293 -15.04 3.99 -18.25
N HIS A 294 -14.40 4.48 -17.20
CA HIS A 294 -13.86 5.86 -17.24
C HIS A 294 -12.48 6.00 -17.90
N LEU A 295 -11.78 4.88 -18.10
CA LEU A 295 -10.44 4.91 -18.70
C LEU A 295 -10.31 3.98 -19.89
N PRO A 296 -11.21 4.13 -20.88
CA PRO A 296 -11.20 3.14 -21.97
C PRO A 296 -9.84 3.13 -22.68
N GLU A 297 -9.52 4.16 -23.47
CA GLU A 297 -8.18 4.30 -23.98
C GLU A 297 -7.08 3.32 -23.61
N LEU A 298 -6.67 3.34 -22.34
CA LEU A 298 -5.51 2.58 -21.84
C LEU A 298 -5.61 1.06 -21.82
N PHE A 299 -6.83 0.56 -21.68
CA PHE A 299 -7.07 -0.86 -21.86
C PHE A 299 -6.89 -1.17 -23.33
N GLU A 300 -7.34 -0.24 -24.17
CA GLU A 300 -7.11 -0.34 -25.60
C GLU A 300 -5.70 -0.82 -25.88
N GLU A 301 -4.73 0.00 -25.50
CA GLU A 301 -3.32 -0.19 -25.85
C GLU A 301 -2.55 -1.04 -24.83
N GLN A 302 -3.23 -1.47 -23.78
CA GLN A 302 -2.62 -2.35 -22.78
C GLN A 302 -3.67 -3.27 -22.14
N PRO A 303 -4.35 -4.06 -22.97
CA PRO A 303 -5.47 -4.89 -22.52
C PRO A 303 -5.31 -5.50 -21.11
N ASP A 304 -4.09 -5.52 -20.57
CA ASP A 304 -3.84 -6.26 -19.33
C ASP A 304 -3.33 -5.44 -18.14
N LEU A 305 -3.77 -4.18 -18.08
CA LEU A 305 -3.42 -3.25 -17.01
C LEU A 305 -3.53 -3.85 -15.62
N LEU A 306 -4.68 -4.47 -15.38
CA LEU A 306 -4.97 -5.02 -14.06
C LEU A 306 -3.90 -5.96 -13.53
N HIS A 307 -3.09 -6.55 -14.41
CA HIS A 307 -1.98 -7.41 -13.98
C HIS A 307 -0.67 -6.65 -14.06
N ASN A 308 -0.77 -5.37 -14.36
CA ASN A 308 0.39 -4.51 -14.51
C ASN A 308 0.89 -3.87 -13.22
N LEU A 309 -0.05 -3.46 -12.37
CA LEU A 309 0.34 -2.84 -11.10
C LEU A 309 0.96 -1.45 -11.32
N VAL A 310 0.58 -0.82 -12.44
CA VAL A 310 1.13 0.48 -12.81
C VAL A 310 0.02 1.51 -12.95
N THR A 311 -1.17 1.19 -12.44
CA THR A 311 -2.31 2.11 -12.53
C THR A 311 -3.06 2.30 -11.21
N GLN A 312 -3.33 3.56 -10.87
CA GLN A 312 -3.85 3.92 -9.57
C GLN A 312 -5.18 4.63 -9.75
N PHE A 313 -6.28 3.89 -9.60
CA PHE A 313 -7.61 4.45 -9.75
C PHE A 313 -8.02 5.16 -8.46
N SER A 314 -8.76 6.25 -8.62
CA SER A 314 -9.16 7.07 -7.48
C SER A 314 -10.42 6.52 -6.82
N PRO A 315 -10.39 6.35 -5.48
CA PRO A 315 -11.47 5.76 -4.68
C PRO A 315 -12.70 6.64 -4.69
N SER A 316 -12.49 7.92 -5.01
CA SER A 316 -13.59 8.88 -5.06
C SER A 316 -14.42 8.51 -6.27
N LEU A 317 -13.73 8.04 -7.29
CA LEU A 317 -14.36 7.82 -8.57
C LEU A 317 -14.97 6.42 -8.64
N LEU A 318 -14.34 5.46 -7.97
CA LEU A 318 -14.94 4.15 -7.78
C LEU A 318 -16.23 4.34 -7.02
N LYS A 319 -16.11 5.03 -5.90
CA LYS A 319 -17.27 5.34 -5.11
C LYS A 319 -18.36 5.85 -6.06
N SER A 320 -18.01 6.71 -7.01
CA SER A 320 -19.02 7.25 -7.93
C SER A 320 -19.85 6.15 -8.58
N GLU A 321 -19.21 5.11 -9.11
CA GLU A 321 -19.95 4.01 -9.73
C GLU A 321 -20.28 2.91 -8.71
N GLY A 322 -20.61 3.31 -7.48
CA GLY A 322 -21.12 2.41 -6.46
C GLY A 322 -20.20 1.31 -5.95
N VAL A 323 -18.89 1.54 -6.05
CA VAL A 323 -17.94 0.56 -5.52
C VAL A 323 -17.59 0.85 -4.06
N HIS A 324 -17.41 -0.20 -3.27
CA HIS A 324 -17.15 0.00 -1.84
C HIS A 324 -15.65 0.09 -1.48
N VAL A 325 -15.12 1.28 -1.32
CA VAL A 325 -13.71 1.37 -0.93
C VAL A 325 -13.54 1.67 0.57
N TYR A 326 -12.75 0.82 1.23
CA TYR A 326 -12.46 0.98 2.65
C TYR A 326 -11.03 1.38 2.87
N ARG A 327 -10.86 2.43 3.67
CA ARG A 327 -9.58 3.04 3.92
C ARG A 327 -8.93 2.36 5.10
N CYS A 328 -7.61 2.32 5.14
CA CYS A 328 -6.96 2.17 6.45
C CYS A 328 -5.46 2.44 6.52
N VAL A 329 -5.07 2.96 7.69
CA VAL A 329 -3.76 3.54 7.90
C VAL A 329 -2.93 2.63 8.78
N GLN A 330 -1.82 2.17 8.25
CA GLN A 330 -0.99 1.17 8.90
C GLN A 330 0.22 1.85 9.55
N HIS A 331 0.19 2.04 10.85
CA HIS A 331 1.27 2.74 11.54
C HIS A 331 2.40 1.77 11.80
N GLU A 332 3.49 2.26 12.38
CA GLU A 332 4.63 1.43 12.74
C GLU A 332 4.20 0.25 13.63
N GLY A 333 4.42 -0.96 13.18
CA GLY A 333 4.17 -2.11 14.05
C GLY A 333 2.77 -2.72 14.03
N GLU A 334 2.04 -2.46 12.95
CA GLU A 334 0.72 -3.03 12.76
C GLU A 334 0.71 -3.73 11.41
N PHE A 335 -0.08 -4.80 11.32
CA PHE A 335 -0.20 -5.57 10.08
C PHE A 335 -1.39 -5.08 9.26
N VAL A 336 -1.38 -5.34 7.95
CA VAL A 336 -2.60 -5.18 7.17
C VAL A 336 -2.86 -6.53 6.50
N LEU A 337 -4.12 -6.89 6.35
CA LEU A 337 -4.47 -8.17 5.81
C LEU A 337 -5.48 -8.00 4.69
N THR A 338 -5.00 -8.23 3.48
CA THR A 338 -5.79 -8.27 2.25
C THR A 338 -6.37 -9.66 2.13
N PHE A 339 -7.68 -9.76 1.98
CA PHE A 339 -8.33 -11.05 1.78
C PHE A 339 -8.30 -11.48 0.31
N PRO A 340 -8.57 -12.76 0.03
CA PRO A 340 -8.39 -13.29 -1.32
C PRO A 340 -9.30 -12.61 -2.33
N ARG A 341 -8.83 -12.50 -3.56
CA ARG A 341 -9.65 -11.94 -4.63
C ARG A 341 -9.95 -10.46 -4.39
N ALA A 342 -9.39 -9.91 -3.28
CA ALA A 342 -9.63 -8.53 -2.88
C ALA A 342 -8.62 -7.51 -3.46
N TYR A 343 -9.18 -6.42 -3.97
CA TYR A 343 -8.45 -5.35 -4.66
C TYR A 343 -7.79 -4.32 -3.72
N HIS A 344 -6.51 -4.06 -3.91
CA HIS A 344 -5.82 -3.25 -2.93
C HIS A 344 -4.74 -2.33 -3.47
N ALA A 345 -4.84 -1.06 -3.08
CA ALA A 345 -3.91 -0.02 -3.46
C ALA A 345 -3.65 0.80 -2.20
N GLY A 346 -2.75 1.78 -2.28
CA GLY A 346 -2.44 2.66 -1.16
C GLY A 346 -1.14 3.37 -1.47
N PHE A 347 -0.60 4.13 -0.54
CA PHE A 347 0.66 4.84 -0.79
C PHE A 347 1.30 5.27 0.53
N ASN A 348 2.61 5.40 0.59
CA ASN A 348 3.28 5.75 1.86
C ASN A 348 3.30 7.24 2.20
N CYS A 349 3.34 7.53 3.48
CA CYS A 349 3.22 8.90 3.93
C CYS A 349 4.57 9.50 4.20
N GLY A 350 5.61 8.79 3.79
CA GLY A 350 6.98 9.20 4.07
C GLY A 350 7.86 7.98 4.23
N PHE A 351 9.15 8.22 4.47
CA PHE A 351 10.11 7.12 4.52
C PHE A 351 9.65 6.01 5.45
N ASN A 352 9.43 4.82 4.90
CA ASN A 352 9.04 3.67 5.71
C ASN A 352 9.62 2.40 5.12
N CYS A 353 9.42 1.28 5.82
CA CYS A 353 10.03 0.03 5.38
C CYS A 353 9.22 -1.18 5.86
N ALA A 354 8.79 -2.00 4.92
CA ALA A 354 7.77 -2.99 5.20
C ALA A 354 8.17 -4.41 4.82
N GLU A 355 7.22 -5.34 4.91
CA GLU A 355 7.47 -6.73 4.57
C GLU A 355 6.12 -7.45 4.44
N ALA A 356 5.90 -8.20 3.37
CA ALA A 356 4.65 -8.95 3.23
C ALA A 356 4.84 -10.39 2.75
N VAL A 357 3.82 -11.24 2.94
CA VAL A 357 3.82 -12.59 2.38
C VAL A 357 2.43 -12.98 1.92
N ASN A 358 2.36 -13.61 0.77
CA ASN A 358 1.11 -14.23 0.38
C ASN A 358 0.80 -15.46 1.26
N VAL A 359 -0.43 -15.98 1.18
CA VAL A 359 -0.88 -17.18 1.91
C VAL A 359 -2.37 -17.43 1.77
N ALA A 360 -2.78 -18.71 1.72
CA ALA A 360 -4.22 -19.10 1.81
C ALA A 360 -4.54 -20.12 2.89
FE FE B . -0.31 -6.71 -2.71
#